data_6GRY
#
_entry.id   6GRY
#
_cell.length_a   54.579
_cell.length_b   54.579
_cell.length_c   284.112
_cell.angle_alpha   90.000
_cell.angle_beta   90.000
_cell.angle_gamma   90.000
#
_symmetry.space_group_name_H-M   'P 43 21 2'
#
loop_
_entity.id
_entity.type
_entity.pdbx_description
1 polymer 'Putative acetyl xylan esterase'
2 non-polymer 'TETRAETHYLENE GLYCOL'
3 non-polymer 1,2-ETHANEDIOL
4 non-polymer DI(HYDROXYETHYL)ETHER
5 non-polymer 'TRIETHYLENE GLYCOL'
6 water water
#
_entity_poly.entity_id   1
_entity_poly.type   'polypeptide(L)'
_entity_poly.pdbx_seq_one_letter_code
;GHITDEAKVPAYTLPAVLALKSGQPVTDAKSWTTKRRPEILAIYEAEVYGKSPARPPKLNYEVKSVEKQALGGKATRKIV
TIFFSDKPDAPKMDLLLYLPAAAAKPAPVILGLSFGGIHTVANDPGVPLAEQWTRDNRKQPSAEKSRGGEASRWQVEKIL
AAGYGLATVYYEQIEPDFAGGMKYGIRPLFFKPGQTEPEPGDWGAVAAWAWGASRAMDYLEKDKDVDARRVGLIGHSRLG
KAAIWAGAQDARFTFIISNESGEGGAAISRRDYGERTTALNTRFPHWFDGNYKKYNDRENEMPFDSHMALALMAPRGLYV
ASAEGDQWSDPKGEFLGAANASPVWELFGKKGIGTMTMPDLHEPVGDSVRYHIRAGKHDVTEYDWEQYLKFAKAQWG
;
_entity_poly.pdbx_strand_id   A
#
loop_
_chem_comp.id
_chem_comp.type
_chem_comp.name
_chem_comp.formula
EDO non-polymer 1,2-ETHANEDIOL 'C2 H6 O2'
PEG non-polymer DI(HYDROXYETHYL)ETHER 'C4 H10 O3'
PG4 non-polymer 'TETRAETHYLENE GLYCOL' 'C8 H18 O5'
PGE non-polymer 'TRIETHYLENE GLYCOL' 'C6 H14 O4'
#
# COMPACT_ATOMS: atom_id res chain seq x y z
N ASP A 5 -5.65 22.42 16.14
CA ASP A 5 -5.78 23.87 15.90
C ASP A 5 -4.90 24.28 14.72
N GLU A 6 -5.54 24.76 13.65
CA GLU A 6 -4.87 24.99 12.38
C GLU A 6 -4.06 26.28 12.36
N ALA A 7 -4.24 27.16 13.33
CA ALA A 7 -3.40 28.35 13.44
C ALA A 7 -2.04 28.03 14.05
N LYS A 8 -1.93 26.88 14.71
CA LYS A 8 -0.68 26.40 15.31
C LYS A 8 0.16 25.56 14.36
N VAL A 9 -0.28 25.36 13.12
CA VAL A 9 0.47 24.54 12.18
C VAL A 9 1.60 25.40 11.59
N PRO A 10 2.85 24.94 11.60
CA PRO A 10 3.92 25.75 10.99
C PRO A 10 3.65 25.93 9.50
N ALA A 11 4.09 27.06 8.97
CA ALA A 11 4.08 27.25 7.52
C ALA A 11 5.47 26.93 6.99
N TYR A 12 5.54 26.75 5.67
CA TYR A 12 6.67 26.08 5.07
C TYR A 12 6.56 26.28 3.58
N THR A 13 7.67 25.97 2.89
CA THR A 13 7.72 25.91 1.45
C THR A 13 8.10 24.49 1.05
N LEU A 14 7.24 23.84 0.22
CA LEU A 14 7.50 22.48 -0.16
C LEU A 14 8.59 22.46 -1.23
N PRO A 15 9.49 21.51 -1.17
CA PRO A 15 10.27 21.15 -2.34
C PRO A 15 9.40 21.07 -3.58
N ALA A 16 9.93 21.47 -4.74
CA ALA A 16 9.12 21.60 -5.95
C ALA A 16 9.10 20.24 -6.64
N VAL A 17 7.91 19.65 -6.73
CA VAL A 17 7.83 18.35 -7.41
C VAL A 17 8.22 18.48 -8.87
N LEU A 18 7.84 19.57 -9.54
CA LEU A 18 8.14 19.73 -10.98
C LEU A 18 9.34 20.63 -11.23
N ALA A 19 10.38 20.54 -10.39
CA ALA A 19 11.69 21.08 -10.69
C ALA A 19 12.72 20.01 -10.36
N LEU A 20 13.73 19.90 -11.20
CA LEU A 20 14.84 19.00 -10.96
C LEU A 20 15.73 19.53 -9.84
N LYS A 21 16.58 18.64 -9.30
CA LYS A 21 17.49 18.99 -8.22
C LYS A 21 18.40 20.16 -8.63
N SER A 22 18.82 20.20 -9.89
CA SER A 22 19.54 21.34 -10.43
C SER A 22 18.73 22.63 -10.39
N GLY A 23 17.41 22.54 -10.34
CA GLY A 23 16.56 23.70 -10.45
C GLY A 23 15.91 23.86 -11.80
N GLN A 24 16.41 23.15 -12.81
CA GLN A 24 15.78 23.19 -14.13
C GLN A 24 14.33 22.74 -14.01
N PRO A 25 13.42 23.37 -14.71
CA PRO A 25 12.03 22.98 -14.55
C PRO A 25 11.67 21.80 -15.44
N VAL A 26 10.70 21.03 -15.00
CA VAL A 26 10.20 19.89 -15.77
C VAL A 26 9.13 20.43 -16.70
N THR A 27 9.31 20.26 -18.00
CA THR A 27 8.42 20.97 -18.93
C THR A 27 7.33 20.11 -19.53
N ASP A 28 7.47 18.80 -19.56
CA ASP A 28 6.45 17.96 -20.17
C ASP A 28 6.51 16.55 -19.59
N ALA A 29 5.65 15.68 -20.09
CA ALA A 29 5.55 14.32 -19.57
C ALA A 29 6.79 13.54 -19.90
N LYS A 30 7.34 13.75 -21.08
CA LYS A 30 8.61 13.13 -21.41
C LYS A 30 9.64 13.42 -20.32
N SER A 31 9.84 14.69 -20.02
CA SER A 31 10.83 15.09 -19.02
C SER A 31 10.53 14.54 -17.61
N TRP A 32 9.25 14.42 -17.24
CA TRP A 32 8.94 13.71 -16.00
C TRP A 32 9.38 12.27 -16.08
N THR A 33 9.02 11.59 -17.17
CA THR A 33 9.28 10.15 -17.27
C THR A 33 10.77 9.84 -17.34
N THR A 34 11.56 10.68 -18.02
CA THR A 34 12.97 10.39 -18.28
C THR A 34 13.94 10.96 -17.26
N LYS A 35 13.59 12.06 -16.59
CA LYS A 35 14.50 12.81 -15.75
C LYS A 35 14.01 12.94 -14.31
N ARG A 36 12.83 13.53 -14.09
CA ARG A 36 12.42 13.84 -12.72
C ARG A 36 11.95 12.62 -11.95
N ARG A 37 11.18 11.75 -12.57
CA ARG A 37 10.63 10.62 -11.83
C ARG A 37 11.75 9.67 -11.41
N PRO A 38 12.74 9.38 -12.26
CA PRO A 38 13.87 8.55 -11.79
C PRO A 38 14.61 9.16 -10.64
N GLU A 39 14.70 10.48 -10.59
CA GLU A 39 15.45 11.16 -9.56
C GLU A 39 14.67 11.12 -8.24
N ILE A 40 13.35 11.27 -8.31
CA ILE A 40 12.52 11.16 -7.10
C ILE A 40 12.51 9.71 -6.59
N LEU A 41 12.38 8.74 -7.49
CA LEU A 41 12.45 7.33 -7.07
C LEU A 41 13.77 7.01 -6.38
N ALA A 42 14.88 7.50 -6.93
CA ALA A 42 16.20 7.30 -6.32
C ALA A 42 16.33 7.96 -4.96
N ILE A 43 15.84 9.20 -4.82
CA ILE A 43 15.85 9.85 -3.51
C ILE A 43 15.14 8.99 -2.46
N TYR A 44 13.93 8.50 -2.78
CA TYR A 44 13.18 7.75 -1.78
C TYR A 44 13.79 6.37 -1.54
N GLU A 45 14.36 5.76 -2.57
CA GLU A 45 15.01 4.48 -2.36
C GLU A 45 16.20 4.62 -1.41
N ALA A 46 16.94 5.73 -1.48
CA ALA A 46 18.12 5.90 -0.62
C ALA A 46 17.79 6.42 0.78
N GLU A 47 16.98 7.45 0.89
CA GLU A 47 16.83 8.15 2.15
C GLU A 47 15.60 7.75 2.95
N VAL A 48 14.68 6.97 2.37
CA VAL A 48 13.43 6.69 3.05
C VAL A 48 13.17 5.19 3.16
N TYR A 49 12.80 4.53 2.05
CA TYR A 49 12.34 3.13 2.11
C TYR A 49 13.44 2.10 1.92
N GLY A 50 14.49 2.40 1.16
CA GLY A 50 15.62 1.50 0.98
C GLY A 50 15.56 0.76 -0.35
N LYS A 51 16.73 0.27 -0.78
CA LYS A 51 16.83 -0.49 -2.02
C LYS A 51 16.39 -1.93 -1.78
N SER A 52 15.49 -2.42 -2.65
CA SER A 52 14.96 -3.77 -2.65
C SER A 52 15.61 -4.59 -3.76
N PRO A 53 15.62 -5.93 -3.64
CA PRO A 53 16.09 -6.76 -4.76
C PRO A 53 15.22 -6.60 -5.99
N ALA A 54 15.76 -7.07 -7.11
CA ALA A 54 15.03 -7.14 -8.37
C ALA A 54 13.98 -8.24 -8.33
N ARG A 55 13.07 -8.17 -9.29
CA ARG A 55 12.01 -9.14 -9.42
C ARG A 55 12.59 -10.55 -9.56
N PRO A 56 12.11 -11.54 -8.83
CA PRO A 56 12.63 -12.90 -9.03
C PRO A 56 12.33 -13.35 -10.45
N PRO A 57 13.34 -13.89 -11.15
CA PRO A 57 13.09 -14.30 -12.55
C PRO A 57 12.00 -15.37 -12.69
N LYS A 58 11.83 -16.25 -11.71
CA LYS A 58 10.73 -17.20 -11.74
C LYS A 58 10.04 -17.22 -10.38
N LEU A 59 8.71 -17.18 -10.41
CA LEU A 59 7.92 -17.29 -9.19
C LEU A 59 7.78 -18.76 -8.82
N ASN A 60 8.20 -19.12 -7.62
CA ASN A 60 7.91 -20.44 -7.08
C ASN A 60 6.63 -20.36 -6.25
N TYR A 61 5.60 -21.10 -6.67
CA TYR A 61 4.30 -21.10 -6.01
C TYR A 61 3.57 -22.41 -6.31
N GLU A 62 2.50 -22.64 -5.53
CA GLU A 62 1.59 -23.78 -5.68
C GLU A 62 0.16 -23.35 -5.36
N VAL A 63 -0.77 -23.66 -6.27
CA VAL A 63 -2.21 -23.52 -6.06
C VAL A 63 -2.69 -24.65 -5.15
N LYS A 64 -2.93 -24.34 -3.87
CA LYS A 64 -3.20 -25.36 -2.89
C LYS A 64 -4.68 -25.76 -2.85
N SER A 65 -5.58 -24.92 -3.32
CA SER A 65 -7.00 -25.15 -3.08
C SER A 65 -7.82 -24.30 -4.04
N VAL A 66 -8.85 -24.90 -4.63
CA VAL A 66 -9.78 -24.23 -5.54
C VAL A 66 -11.17 -24.82 -5.31
N GLU A 67 -12.12 -23.98 -4.96
CA GLU A 67 -13.44 -24.41 -4.55
C GLU A 67 -14.49 -23.58 -5.25
N LYS A 68 -15.58 -24.23 -5.64
CA LYS A 68 -16.67 -23.59 -6.34
C LYS A 68 -17.82 -23.36 -5.40
N GLN A 69 -18.57 -22.31 -5.66
CA GLN A 69 -19.79 -22.03 -4.90
C GLN A 69 -19.47 -21.59 -3.48
N ALA A 70 -18.25 -21.14 -3.23
CA ALA A 70 -17.92 -20.65 -1.91
C ALA A 70 -18.75 -19.41 -1.60
N LEU A 71 -18.75 -19.00 -0.33
CA LEU A 71 -19.47 -17.83 0.14
C LEU A 71 -20.97 -17.90 -0.18
N GLY A 72 -21.53 -19.10 -0.16
CA GLY A 72 -22.95 -19.26 -0.40
C GLY A 72 -23.29 -19.21 -1.87
N GLY A 73 -22.50 -19.91 -2.68
CA GLY A 73 -22.63 -19.86 -4.13
C GLY A 73 -22.12 -18.59 -4.78
N LYS A 74 -21.72 -17.58 -4.01
CA LYS A 74 -21.37 -16.29 -4.58
C LYS A 74 -20.00 -16.28 -5.23
N ALA A 75 -19.11 -17.23 -4.94
CA ALA A 75 -17.73 -17.08 -5.39
C ALA A 75 -17.03 -18.39 -5.70
N THR A 76 -16.05 -18.28 -6.57
CA THR A 76 -14.94 -19.21 -6.67
C THR A 76 -13.80 -18.72 -5.78
N ARG A 77 -13.31 -19.62 -4.91
CA ARG A 77 -12.23 -19.33 -3.95
C ARG A 77 -10.98 -20.14 -4.29
N LYS A 78 -9.83 -19.47 -4.33
CA LYS A 78 -8.53 -20.13 -4.42
C LYS A 78 -7.63 -19.72 -3.26
N ILE A 79 -6.61 -20.56 -3.01
CA ILE A 79 -5.58 -20.29 -2.01
C ILE A 79 -4.27 -20.79 -2.57
N VAL A 80 -3.31 -19.87 -2.71
CA VAL A 80 -2.07 -20.06 -3.44
C VAL A 80 -0.91 -19.77 -2.49
N THR A 81 0.11 -20.62 -2.50
CA THR A 81 1.25 -20.40 -1.63
C THR A 81 2.41 -19.92 -2.48
N ILE A 82 3.03 -18.82 -2.06
CA ILE A 82 4.14 -18.23 -2.78
C ILE A 82 5.38 -18.36 -1.89
N PHE A 83 6.40 -19.03 -2.41
CA PHE A 83 7.60 -19.33 -1.65
C PHE A 83 8.67 -18.32 -2.01
N PHE A 84 9.23 -17.70 -1.00
CA PHE A 84 10.27 -16.72 -1.19
C PHE A 84 11.63 -17.38 -1.23
N SER A 85 11.67 -18.72 -1.25
CA SER A 85 12.90 -19.45 -0.99
C SER A 85 12.60 -20.95 -1.04
N ASP A 86 13.43 -21.71 -1.75
CA ASP A 86 13.19 -23.15 -1.86
C ASP A 86 13.33 -23.85 -0.51
N LYS A 87 14.16 -23.29 0.37
CA LYS A 87 14.47 -23.91 1.65
C LYS A 87 13.22 -24.32 2.43
N PRO A 88 13.41 -25.08 3.52
CA PRO A 88 12.26 -25.49 4.34
C PRO A 88 12.09 -24.57 5.54
N ASP A 89 10.90 -24.49 6.10
CA ASP A 89 10.63 -23.52 7.16
C ASP A 89 11.02 -22.11 6.72
N ALA A 90 11.12 -21.92 5.40
CA ALA A 90 11.52 -20.65 4.83
C ALA A 90 10.33 -19.70 4.78
N PRO A 91 10.58 -18.40 4.62
CA PRO A 91 9.46 -17.45 4.52
C PRO A 91 8.62 -17.75 3.29
N LYS A 92 7.30 -17.65 3.46
CA LYS A 92 6.32 -17.88 2.41
C LYS A 92 5.00 -17.19 2.78
N MET A 93 4.11 -17.03 1.79
CA MET A 93 2.86 -16.34 2.03
C MET A 93 1.70 -17.01 1.28
N ASP A 94 0.52 -16.96 1.92
CA ASP A 94 -0.73 -17.57 1.44
C ASP A 94 -1.68 -16.53 0.88
N LEU A 95 -1.82 -16.52 -0.44
CA LEU A 95 -2.71 -15.60 -1.15
C LEU A 95 -4.12 -16.18 -1.22
N LEU A 96 -5.10 -15.46 -0.69
CA LEU A 96 -6.50 -15.83 -0.83
C LEU A 96 -7.17 -15.02 -1.93
N LEU A 97 -7.85 -15.72 -2.84
CA LEU A 97 -8.58 -15.10 -3.96
C LEU A 97 -10.04 -15.56 -3.99
N TYR A 98 -10.94 -14.57 -4.10
CA TYR A 98 -12.35 -14.75 -4.36
C TYR A 98 -12.67 -14.10 -5.68
N LEU A 99 -13.16 -14.88 -6.64
CA LEU A 99 -13.69 -14.39 -7.91
C LEU A 99 -15.20 -14.60 -8.00
N PRO A 100 -15.96 -13.71 -8.64
CA PRO A 100 -17.42 -13.91 -8.69
C PRO A 100 -17.80 -15.19 -9.45
N ALA A 101 -18.81 -15.90 -8.94
CA ALA A 101 -19.17 -17.21 -9.50
C ALA A 101 -19.70 -17.08 -10.93
N ALA A 102 -20.49 -16.05 -11.20
CA ALA A 102 -21.05 -15.82 -12.53
C ALA A 102 -20.05 -15.35 -13.57
N ALA A 103 -18.75 -15.24 -13.26
CA ALA A 103 -17.82 -14.51 -14.13
C ALA A 103 -17.81 -15.10 -15.54
N ALA A 104 -18.18 -14.28 -16.52
CA ALA A 104 -18.17 -14.71 -17.92
C ALA A 104 -16.81 -14.56 -18.58
N LYS A 105 -15.94 -13.74 -18.02
CA LYS A 105 -14.62 -13.45 -18.58
C LYS A 105 -13.63 -13.39 -17.43
N PRO A 106 -12.32 -13.30 -17.70
CA PRO A 106 -11.35 -13.03 -16.63
C PRO A 106 -11.69 -11.71 -15.95
N ALA A 107 -11.61 -11.71 -14.62
CA ALA A 107 -12.29 -10.62 -13.94
C ALA A 107 -11.29 -9.69 -13.28
N PRO A 108 -11.62 -8.41 -13.15
CA PRO A 108 -10.74 -7.48 -12.44
C PRO A 108 -10.59 -7.92 -10.99
N VAL A 109 -9.44 -7.61 -10.40
CA VAL A 109 -9.12 -7.97 -9.02
C VAL A 109 -8.58 -6.76 -8.28
N ILE A 110 -9.10 -6.52 -7.08
CA ILE A 110 -8.45 -5.67 -6.10
C ILE A 110 -7.59 -6.51 -5.19
N LEU A 111 -6.29 -6.19 -5.13
CA LEU A 111 -5.34 -6.85 -4.27
C LEU A 111 -5.15 -6.01 -3.01
N GLY A 112 -5.05 -6.67 -1.87
CA GLY A 112 -4.90 -5.98 -0.61
C GLY A 112 -3.89 -6.62 0.32
N LEU A 113 -3.16 -5.80 1.05
CA LEU A 113 -2.37 -6.27 2.18
C LEU A 113 -3.28 -6.23 3.41
N SER A 114 -3.26 -7.31 4.18
CA SER A 114 -4.17 -7.52 5.31
C SER A 114 -3.42 -7.47 6.63
N PHE A 115 -4.06 -6.91 7.64
CA PHE A 115 -3.50 -6.97 8.98
C PHE A 115 -3.70 -8.32 9.69
N GLY A 116 -4.69 -9.14 9.26
CA GLY A 116 -4.92 -10.44 9.81
C GLY A 116 -4.78 -11.56 8.79
N GLY A 117 -4.82 -12.80 9.28
CA GLY A 117 -4.72 -13.96 8.43
C GLY A 117 -5.93 -14.08 7.55
N ILE A 118 -5.82 -14.98 6.55
CA ILE A 118 -6.80 -15.03 5.46
C ILE A 118 -8.19 -15.45 5.93
N HIS A 119 -8.31 -15.97 7.16
CA HIS A 119 -9.59 -16.37 7.72
C HIS A 119 -10.33 -15.19 8.34
N THR A 120 -9.67 -14.04 8.48
CA THR A 120 -10.29 -12.84 9.01
C THR A 120 -11.03 -12.05 7.94
N VAL A 121 -10.79 -12.36 6.66
CA VAL A 121 -11.21 -11.48 5.56
C VAL A 121 -12.68 -11.68 5.16
N ALA A 122 -13.24 -12.85 5.41
CA ALA A 122 -14.64 -13.13 5.20
C ALA A 122 -15.06 -14.12 6.27
N ASN A 123 -16.37 -14.40 6.34
CA ASN A 123 -16.86 -15.45 7.24
C ASN A 123 -17.05 -16.72 6.40
N ASP A 124 -15.93 -17.42 6.21
CA ASP A 124 -15.80 -18.49 5.23
C ASP A 124 -15.21 -19.71 5.92
N PRO A 125 -16.02 -20.71 6.30
CA PRO A 125 -15.45 -21.82 7.07
C PRO A 125 -14.51 -22.71 6.27
N GLY A 126 -14.49 -22.59 4.94
CA GLY A 126 -13.58 -23.40 4.16
C GLY A 126 -12.13 -22.96 4.22
N VAL A 127 -11.82 -21.90 4.95
CA VAL A 127 -10.49 -21.32 4.95
C VAL A 127 -9.78 -21.74 6.23
N PRO A 128 -8.59 -22.32 6.16
CA PRO A 128 -7.88 -22.72 7.38
C PRO A 128 -7.49 -21.52 8.23
N LEU A 129 -7.60 -21.69 9.54
CA LEU A 129 -7.21 -20.66 10.50
C LEU A 129 -5.71 -20.42 10.42
N ALA A 130 -5.30 -19.14 10.36
CA ALA A 130 -3.89 -18.82 10.15
C ALA A 130 -3.19 -18.51 11.46
N GLU A 131 -1.87 -18.75 11.47
CA GLU A 131 -1.04 -18.39 12.61
C GLU A 131 -0.76 -16.90 12.52
N GLN A 132 -1.13 -16.17 13.56
CA GLN A 132 -0.85 -14.74 13.64
C GLN A 132 0.09 -14.41 14.80
N TRP A 133 0.71 -13.23 14.68
CA TRP A 133 1.59 -12.67 15.69
C TRP A 133 0.81 -11.80 16.66
N THR A 134 1.18 -11.87 17.94
CA THR A 134 0.37 -11.33 19.01
C THR A 134 1.02 -10.11 19.65
N ARG A 135 0.28 -9.49 20.57
N ARG A 135 0.26 -9.50 20.55
CA ARG A 135 0.77 -8.34 21.33
CA ARG A 135 0.73 -8.38 21.36
C ARG A 135 2.08 -8.64 22.05
C ARG A 135 2.09 -8.66 21.99
N ASP A 136 2.40 -9.92 22.29
CA ASP A 136 3.63 -10.28 22.98
C ASP A 136 4.77 -10.62 22.04
N ASN A 137 4.57 -10.42 20.73
CA ASN A 137 5.56 -10.80 19.73
C ASN A 137 5.84 -12.30 19.76
N ARG A 138 4.77 -13.09 19.92
CA ARG A 138 4.76 -14.52 19.67
C ARG A 138 3.85 -14.83 18.48
N LYS A 139 4.17 -15.91 17.75
CA LYS A 139 3.34 -16.42 16.66
C LYS A 139 2.62 -17.71 17.09
N GLN A 140 1.34 -17.81 16.76
CA GLN A 140 0.55 -18.94 17.24
C GLN A 140 -0.76 -19.08 16.45
N PRO A 141 -1.28 -20.30 16.34
CA PRO A 141 -2.56 -20.49 15.61
C PRO A 141 -3.67 -19.60 16.14
N SER A 142 -4.54 -19.15 15.24
CA SER A 142 -5.67 -18.30 15.59
C SER A 142 -6.89 -19.13 15.99
N ALA A 143 -7.65 -18.58 16.93
CA ALA A 143 -8.88 -19.21 17.40
C ALA A 143 -10.01 -19.03 16.39
N GLU A 144 -10.94 -19.99 16.42
CA GLU A 144 -12.07 -19.97 15.49
C GLU A 144 -12.97 -18.78 15.72
N LYS A 145 -13.04 -18.27 16.95
CA LYS A 145 -13.81 -17.05 17.21
C LYS A 145 -13.34 -15.88 16.36
N SER A 146 -12.13 -15.96 15.81
CA SER A 146 -11.54 -14.86 15.05
C SER A 146 -11.97 -14.86 13.59
N ARG A 147 -12.58 -15.94 13.11
CA ARG A 147 -12.98 -16.01 11.73
C ARG A 147 -13.84 -14.80 11.36
N GLY A 148 -13.59 -14.25 10.16
CA GLY A 148 -14.32 -13.10 9.68
C GLY A 148 -14.13 -11.84 10.50
N GLY A 149 -13.10 -11.82 11.35
CA GLY A 149 -12.92 -10.67 12.23
C GLY A 149 -12.58 -9.37 11.51
N GLU A 150 -11.99 -9.43 10.31
CA GLU A 150 -11.71 -8.23 9.53
C GLU A 150 -12.71 -8.04 8.40
N ALA A 151 -13.85 -8.72 8.47
CA ALA A 151 -14.73 -8.81 7.31
C ALA A 151 -15.24 -7.43 6.89
N SER A 152 -15.49 -6.56 7.87
CA SER A 152 -16.04 -5.24 7.60
C SER A 152 -15.03 -4.31 6.93
N ARG A 153 -13.73 -4.60 7.07
CA ARG A 153 -12.67 -3.85 6.44
C ARG A 153 -12.45 -4.29 5.00
N TRP A 154 -13.08 -5.37 4.58
CA TRP A 154 -12.90 -5.90 3.24
C TRP A 154 -14.18 -6.00 2.42
N GLN A 155 -15.36 -6.12 3.03
CA GLN A 155 -16.63 -5.96 2.30
C GLN A 155 -16.67 -6.79 1.01
N VAL A 156 -16.29 -8.06 1.10
CA VAL A 156 -16.15 -8.87 -0.11
C VAL A 156 -17.47 -8.98 -0.89
N GLU A 157 -18.60 -8.98 -0.21
CA GLU A 157 -19.88 -9.11 -0.91
C GLU A 157 -20.11 -7.94 -1.85
N LYS A 158 -19.73 -6.72 -1.43
CA LYS A 158 -19.84 -5.55 -2.31
C LYS A 158 -18.94 -5.68 -3.53
N ILE A 159 -17.72 -6.15 -3.33
CA ILE A 159 -16.77 -6.26 -4.41
C ILE A 159 -17.25 -7.26 -5.45
N LEU A 160 -17.68 -8.44 -5.00
CA LEU A 160 -18.19 -9.40 -5.97
C LEU A 160 -19.44 -8.88 -6.65
N ALA A 161 -20.31 -8.21 -5.89
CA ALA A 161 -21.53 -7.62 -6.45
C ALA A 161 -21.21 -6.73 -7.62
N ALA A 162 -20.07 -6.03 -7.54
CA ALA A 162 -19.65 -5.11 -8.57
C ALA A 162 -18.96 -5.80 -9.73
N GLY A 163 -18.79 -7.13 -9.68
CA GLY A 163 -18.17 -7.82 -10.78
C GLY A 163 -16.69 -8.05 -10.64
N TYR A 164 -16.15 -7.87 -9.44
CA TYR A 164 -14.71 -7.92 -9.19
C TYR A 164 -14.38 -9.02 -8.20
N GLY A 165 -13.12 -9.48 -8.26
CA GLY A 165 -12.54 -10.32 -7.26
C GLY A 165 -11.75 -9.56 -6.19
N LEU A 166 -11.44 -10.26 -5.10
CA LEU A 166 -10.61 -9.71 -4.04
C LEU A 166 -9.49 -10.69 -3.76
N ALA A 167 -8.26 -10.18 -3.67
CA ALA A 167 -7.11 -10.99 -3.28
C ALA A 167 -6.47 -10.36 -2.04
N THR A 168 -6.14 -11.20 -1.02
CA THR A 168 -5.49 -10.70 0.19
C THR A 168 -4.31 -11.55 0.63
N VAL A 169 -3.32 -10.90 1.25
CA VAL A 169 -2.15 -11.57 1.84
C VAL A 169 -1.95 -10.97 3.22
N TYR A 170 -1.69 -11.83 4.20
CA TYR A 170 -1.37 -11.40 5.56
C TYR A 170 0.05 -10.85 5.59
N TYR A 171 0.22 -9.59 5.99
CA TYR A 171 1.49 -8.92 5.72
C TYR A 171 2.63 -9.46 6.57
N GLU A 172 2.36 -9.96 7.78
CA GLU A 172 3.46 -10.39 8.62
C GLU A 172 4.08 -11.72 8.17
N GLN A 173 3.46 -12.45 7.24
CA GLN A 173 4.17 -13.55 6.58
C GLN A 173 5.38 -13.08 5.78
N ILE A 174 5.42 -11.81 5.34
CA ILE A 174 6.55 -11.26 4.59
C ILE A 174 7.63 -10.79 5.53
N GLU A 175 7.22 -10.09 6.60
CA GLU A 175 8.11 -9.77 7.69
C GLU A 175 7.28 -9.41 8.90
N PRO A 176 7.46 -10.08 10.04
CA PRO A 176 6.64 -9.72 11.21
C PRO A 176 6.95 -8.31 11.69
N ASP A 177 5.89 -7.67 12.20
CA ASP A 177 5.87 -6.23 12.45
C ASP A 177 6.14 -5.93 13.93
N PHE A 178 7.40 -6.08 14.30
CA PHE A 178 7.88 -5.68 15.61
C PHE A 178 9.38 -5.59 15.46
N ALA A 179 10.01 -4.78 16.32
CA ALA A 179 11.44 -4.56 16.23
C ALA A 179 12.13 -5.80 16.75
N GLY A 180 12.94 -6.43 15.89
CA GLY A 180 13.50 -7.75 16.13
C GLY A 180 12.96 -8.83 15.20
N GLY A 181 11.97 -8.52 14.38
CA GLY A 181 11.31 -9.52 13.55
C GLY A 181 11.94 -9.75 12.22
N MET A 182 12.96 -8.99 11.88
CA MET A 182 13.59 -9.13 10.57
C MET A 182 14.12 -10.54 10.33
N LYS A 183 14.58 -11.21 11.37
CA LYS A 183 15.19 -12.54 11.20
C LYS A 183 14.18 -13.57 10.70
N TYR A 184 12.89 -13.36 10.95
CA TYR A 184 11.85 -14.25 10.49
C TYR A 184 11.31 -13.90 9.12
N GLY A 185 11.85 -12.89 8.45
CA GLY A 185 11.28 -12.36 7.24
C GLY A 185 12.15 -12.59 6.03
N ILE A 186 11.74 -11.96 4.91
CA ILE A 186 12.46 -12.15 3.66
C ILE A 186 13.77 -11.38 3.56
N ARG A 187 13.99 -10.33 4.33
CA ARG A 187 15.18 -9.51 4.08
C ARG A 187 16.50 -10.25 4.27
N PRO A 188 16.69 -11.05 5.33
CA PRO A 188 17.89 -11.89 5.43
C PRO A 188 18.15 -12.75 4.22
N LEU A 189 17.10 -13.17 3.51
CA LEU A 189 17.33 -14.01 2.36
C LEU A 189 18.26 -13.36 1.31
N PHE A 190 18.39 -12.03 1.28
CA PHE A 190 19.13 -11.39 0.20
C PHE A 190 20.44 -10.77 0.65
N PHE A 191 20.97 -11.21 1.78
CA PHE A 191 22.26 -10.73 2.26
C PHE A 191 23.39 -11.24 1.38
N LYS A 192 24.39 -10.37 1.16
CA LYS A 192 25.63 -10.77 0.51
C LYS A 192 26.32 -11.84 1.36
N PRO A 193 27.24 -12.65 0.77
CA PRO A 193 27.95 -13.64 1.59
C PRO A 193 28.57 -13.02 2.84
N GLY A 194 28.16 -13.50 4.02
CA GLY A 194 28.60 -12.93 5.27
C GLY A 194 28.22 -11.48 5.50
N GLN A 195 26.93 -11.19 5.35
CA GLN A 195 26.38 -9.89 5.66
C GLN A 195 25.46 -10.07 6.87
N THR A 196 25.66 -9.26 7.90
CA THR A 196 24.97 -9.47 9.17
C THR A 196 23.65 -8.73 9.25
N GLU A 197 23.54 -7.63 8.54
CA GLU A 197 22.39 -6.77 8.70
C GLU A 197 22.33 -5.84 7.50
N PRO A 198 21.23 -5.10 7.34
CA PRO A 198 21.12 -4.23 6.16
C PRO A 198 22.06 -3.04 6.26
N GLU A 199 22.68 -2.71 5.14
CA GLU A 199 23.33 -1.43 5.00
C GLU A 199 22.31 -0.31 5.17
N PRO A 200 22.76 0.91 5.45
CA PRO A 200 21.82 2.01 5.77
C PRO A 200 20.94 2.47 4.60
N GLY A 201 21.30 2.15 3.36
CA GLY A 201 20.43 2.37 2.21
C GLY A 201 19.65 1.16 1.69
N ASP A 202 19.66 0.05 2.43
CA ASP A 202 18.94 -1.17 2.06
C ASP A 202 17.48 -1.11 2.52
N TRP A 203 16.60 -1.84 1.83
CA TRP A 203 15.17 -1.88 2.21
C TRP A 203 14.93 -2.13 3.68
N GLY A 204 13.95 -1.39 4.23
CA GLY A 204 13.36 -1.70 5.51
C GLY A 204 12.08 -2.52 5.33
N ALA A 205 11.31 -2.63 6.42
CA ALA A 205 10.12 -3.50 6.43
C ALA A 205 8.98 -2.98 5.54
N VAL A 206 8.74 -1.66 5.50
CA VAL A 206 7.74 -1.12 4.57
C VAL A 206 8.04 -1.55 3.15
N ALA A 207 9.29 -1.34 2.72
CA ALA A 207 9.76 -1.81 1.43
C ALA A 207 9.58 -3.32 1.25
N ALA A 208 9.80 -4.10 2.31
CA ALA A 208 9.64 -5.55 2.20
C ALA A 208 8.17 -5.92 1.95
N TRP A 209 7.26 -5.34 2.70
CA TRP A 209 5.84 -5.60 2.46
C TRP A 209 5.45 -5.19 1.04
N ALA A 210 5.97 -4.08 0.55
CA ALA A 210 5.63 -3.66 -0.80
C ALA A 210 6.14 -4.66 -1.82
N TRP A 211 7.33 -5.16 -1.59
CA TRP A 211 7.93 -6.12 -2.49
C TRP A 211 7.10 -7.41 -2.49
N GLY A 212 6.52 -7.78 -1.35
CA GLY A 212 5.63 -8.93 -1.33
C GLY A 212 4.34 -8.74 -2.13
N ALA A 213 3.72 -7.55 -2.05
CA ALA A 213 2.53 -7.25 -2.88
C ALA A 213 2.81 -7.46 -4.36
N SER A 214 4.03 -7.12 -4.78
CA SER A 214 4.39 -7.28 -6.19
C SER A 214 4.63 -8.78 -6.53
N ARG A 215 5.02 -9.60 -5.56
CA ARG A 215 5.04 -11.03 -5.87
C ARG A 215 3.63 -11.60 -5.92
N ALA A 216 2.72 -11.11 -5.11
CA ALA A 216 1.31 -11.47 -5.31
C ALA A 216 0.87 -11.13 -6.73
N MET A 217 1.25 -9.96 -7.23
N MET A 217 1.26 -9.96 -7.24
CA MET A 217 0.92 -9.59 -8.60
CA MET A 217 0.91 -9.59 -8.61
C MET A 217 1.47 -10.60 -9.59
C MET A 217 1.49 -10.57 -9.61
N ASP A 218 2.76 -10.96 -9.43
CA ASP A 218 3.35 -11.99 -10.26
C ASP A 218 2.39 -13.17 -10.42
N TYR A 219 1.80 -13.66 -9.32
CA TYR A 219 0.88 -14.77 -9.51
C TYR A 219 -0.39 -14.31 -10.25
N LEU A 220 -1.01 -13.21 -9.82
CA LEU A 220 -2.28 -12.82 -10.44
C LEU A 220 -2.20 -12.77 -11.96
N GLU A 221 -1.03 -12.42 -12.51
CA GLU A 221 -0.92 -12.29 -13.96
C GLU A 221 -0.75 -13.63 -14.67
N LYS A 222 -0.60 -14.73 -13.94
CA LYS A 222 -0.64 -16.05 -14.52
C LYS A 222 -2.00 -16.73 -14.44
N ASP A 223 -2.87 -16.27 -13.55
CA ASP A 223 -4.14 -16.94 -13.29
C ASP A 223 -5.13 -16.64 -14.42
N LYS A 224 -5.57 -17.67 -15.12
CA LYS A 224 -6.36 -17.45 -16.32
C LYS A 224 -7.71 -16.85 -16.02
N ASP A 225 -8.18 -16.96 -14.78
CA ASP A 225 -9.47 -16.41 -14.39
C ASP A 225 -9.42 -14.93 -13.97
N VAL A 226 -8.24 -14.31 -14.07
CA VAL A 226 -7.98 -12.95 -13.61
C VAL A 226 -7.56 -12.09 -14.79
N ASP A 227 -8.14 -10.88 -14.90
CA ASP A 227 -7.76 -9.91 -15.92
C ASP A 227 -6.50 -9.15 -15.46
N ALA A 228 -5.33 -9.59 -15.90
CA ALA A 228 -4.07 -8.99 -15.48
C ALA A 228 -3.90 -7.53 -15.90
N ARG A 229 -4.77 -7.01 -16.75
CA ARG A 229 -4.79 -5.60 -17.08
C ARG A 229 -5.59 -4.77 -16.10
N ARG A 230 -6.33 -5.38 -15.18
CA ARG A 230 -7.24 -4.66 -14.31
C ARG A 230 -7.04 -5.15 -12.88
N VAL A 231 -5.85 -4.86 -12.33
CA VAL A 231 -5.58 -5.07 -10.91
C VAL A 231 -5.19 -3.73 -10.25
N GLY A 232 -5.73 -3.49 -9.05
CA GLY A 232 -5.34 -2.38 -8.22
C GLY A 232 -4.87 -2.89 -6.87
N LEU A 233 -4.40 -1.96 -6.05
CA LEU A 233 -3.83 -2.32 -4.76
C LEU A 233 -4.37 -1.40 -3.68
N ILE A 234 -4.69 -1.98 -2.52
CA ILE A 234 -5.19 -1.22 -1.39
C ILE A 234 -4.39 -1.54 -0.14
N GLY A 235 -4.15 -0.51 0.68
CA GLY A 235 -3.56 -0.70 2.01
C GLY A 235 -4.08 0.34 2.95
N HIS A 236 -4.19 -0.04 4.23
CA HIS A 236 -4.62 0.80 5.35
C HIS A 236 -3.47 1.10 6.30
N SER A 237 -3.40 2.32 6.79
CA SER A 237 -2.47 2.70 7.90
C SER A 237 -1.01 2.53 7.46
N ARG A 238 -0.14 1.88 8.25
CA ARG A 238 1.20 1.52 7.80
C ARG A 238 1.24 0.74 6.49
N LEU A 239 0.20 0.00 6.14
CA LEU A 239 0.19 -0.73 4.88
C LEU A 239 -0.26 0.16 3.73
N GLY A 240 -0.84 1.32 4.04
CA GLY A 240 -1.03 2.33 3.02
C GLY A 240 0.28 2.97 2.59
N LYS A 241 1.24 3.06 3.50
CA LYS A 241 2.62 3.41 3.13
C LYS A 241 3.23 2.38 2.20
N ALA A 242 3.14 1.11 2.58
CA ALA A 242 3.58 0.05 1.71
C ALA A 242 2.93 0.18 0.33
N ALA A 243 1.64 0.48 0.31
CA ALA A 243 0.95 0.45 -0.97
C ALA A 243 1.40 1.59 -1.87
N ILE A 244 1.75 2.73 -1.28
CA ILE A 244 2.30 3.85 -2.02
C ILE A 244 3.59 3.44 -2.72
N TRP A 245 4.49 2.81 -2.00
CA TRP A 245 5.78 2.44 -2.58
C TRP A 245 5.65 1.25 -3.56
N ALA A 246 4.77 0.30 -3.29
CA ALA A 246 4.57 -0.75 -4.28
C ALA A 246 4.05 -0.16 -5.58
N GLY A 247 3.14 0.81 -5.47
CA GLY A 247 2.65 1.48 -6.68
C GLY A 247 3.75 2.21 -7.43
N ALA A 248 4.63 2.91 -6.70
CA ALA A 248 5.81 3.57 -7.26
C ALA A 248 6.75 2.59 -7.96
N GLN A 249 6.96 1.44 -7.36
CA GLN A 249 7.88 0.47 -7.91
C GLN A 249 7.30 -0.44 -8.99
N ASP A 250 5.99 -0.48 -9.18
CA ASP A 250 5.40 -1.58 -9.96
C ASP A 250 4.26 -1.02 -10.80
N ALA A 251 4.56 -0.81 -12.09
CA ALA A 251 3.67 -0.17 -13.04
C ALA A 251 2.40 -0.96 -13.33
N ARG A 252 2.34 -2.23 -12.89
CA ARG A 252 1.19 -3.08 -13.23
C ARG A 252 -0.05 -2.75 -12.42
N PHE A 253 0.09 -2.12 -11.26
CA PHE A 253 -1.08 -1.67 -10.52
C PHE A 253 -1.69 -0.48 -11.23
N THR A 254 -2.92 -0.66 -11.73
CA THR A 254 -3.64 0.39 -12.41
C THR A 254 -4.04 1.50 -11.48
N PHE A 255 -4.10 1.25 -10.18
CA PHE A 255 -4.33 2.27 -9.17
C PHE A 255 -3.90 1.74 -7.82
N ILE A 256 -3.68 2.67 -6.89
CA ILE A 256 -3.50 2.32 -5.50
C ILE A 256 -4.44 3.14 -4.66
N ILE A 257 -4.83 2.55 -3.54
CA ILE A 257 -5.73 3.15 -2.58
C ILE A 257 -4.97 3.15 -1.27
N SER A 258 -4.80 4.31 -0.69
CA SER A 258 -3.98 4.50 0.49
C SER A 258 -4.87 5.11 1.54
N ASN A 259 -5.38 4.26 2.44
CA ASN A 259 -6.34 4.65 3.47
C ASN A 259 -5.58 5.06 4.73
N GLU A 260 -5.73 6.34 5.11
CA GLU A 260 -5.15 6.92 6.31
C GLU A 260 -3.72 6.49 6.55
N SER A 261 -2.79 6.91 5.69
CA SER A 261 -1.42 6.39 5.70
C SER A 261 -0.37 7.26 6.43
N GLY A 262 -0.71 8.46 6.87
CA GLY A 262 0.21 9.24 7.74
C GLY A 262 1.63 9.51 7.21
N GLU A 263 2.57 9.63 8.16
CA GLU A 263 3.92 10.10 7.89
C GLU A 263 4.77 9.01 7.24
N GLY A 264 5.48 9.35 6.16
CA GLY A 264 6.05 8.37 5.25
C GLY A 264 5.03 7.73 4.36
N GLY A 265 3.78 8.22 4.39
CA GLY A 265 2.73 7.82 3.48
C GLY A 265 2.28 9.03 2.67
N ALA A 266 1.02 9.45 2.81
CA ALA A 266 0.43 10.54 2.06
C ALA A 266 0.58 11.90 2.76
N ALA A 267 0.79 11.90 4.05
CA ALA A 267 0.78 13.08 4.89
C ALA A 267 2.04 13.94 4.71
N ILE A 268 1.84 15.25 4.63
CA ILE A 268 2.92 16.22 4.45
C ILE A 268 3.70 16.33 5.76
N SER A 269 5.01 16.04 5.69
CA SER A 269 5.79 16.00 6.91
C SER A 269 5.92 17.40 7.52
N ARG A 270 5.99 18.44 6.68
CA ARG A 270 6.33 19.78 7.16
C ARG A 270 5.20 20.41 7.97
N ARG A 271 4.08 19.72 8.12
CA ARG A 271 3.05 20.14 9.04
C ARG A 271 3.39 19.89 10.51
N ASP A 272 4.56 19.34 10.83
CA ASP A 272 5.13 19.42 12.19
C ASP A 272 6.64 19.61 12.05
N TYR A 273 7.37 19.50 13.17
CA TYR A 273 8.82 19.70 13.21
C TYR A 273 9.62 18.41 13.30
N GLY A 274 9.15 17.35 12.66
CA GLY A 274 9.93 16.14 12.60
C GLY A 274 9.64 15.17 13.72
N GLU A 275 8.58 15.40 14.49
CA GLU A 275 8.36 14.58 15.66
C GLU A 275 7.68 13.28 15.28
N ARG A 276 6.79 13.28 14.28
CA ARG A 276 6.22 12.01 13.84
C ARG A 276 7.31 11.06 13.34
N THR A 277 8.30 11.60 12.64
CA THR A 277 9.37 10.81 12.08
C THR A 277 10.19 10.17 13.19
N THR A 278 10.50 10.96 14.22
CA THR A 278 11.24 10.42 15.36
C THR A 278 10.45 9.34 16.08
N ALA A 279 9.21 9.62 16.45
CA ALA A 279 8.36 8.61 17.07
C ALA A 279 8.33 7.32 16.25
N LEU A 280 8.15 7.44 14.93
CA LEU A 280 8.12 6.24 14.09
C LEU A 280 9.47 5.55 14.07
N ASN A 281 10.57 6.29 13.87
CA ASN A 281 11.86 5.61 13.77
C ASN A 281 12.31 5.06 15.12
N THR A 282 11.70 5.52 16.19
CA THR A 282 12.04 5.10 17.53
C THR A 282 11.25 3.86 17.95
N ARG A 283 9.96 3.91 17.73
CA ARG A 283 9.06 2.83 18.09
C ARG A 283 9.08 1.70 17.09
N PHE A 284 9.29 2.04 15.81
CA PHE A 284 9.25 1.11 14.69
C PHE A 284 10.53 1.25 13.87
N PRO A 285 11.68 0.96 14.48
CA PRO A 285 12.94 1.18 13.78
C PRO A 285 13.11 0.30 12.59
N HIS A 286 12.32 -0.78 12.49
CA HIS A 286 12.39 -1.65 11.32
C HIS A 286 11.67 -1.07 10.07
N TRP A 287 10.80 -0.06 10.21
CA TRP A 287 9.93 0.33 9.09
C TRP A 287 10.72 0.93 7.94
N PHE A 288 11.53 1.93 8.22
CA PHE A 288 12.28 2.66 7.18
C PHE A 288 13.74 2.28 7.26
N ASP A 289 14.50 2.67 6.23
CA ASP A 289 15.92 2.33 6.20
C ASP A 289 16.71 3.20 7.18
N GLY A 290 18.01 2.85 7.32
CA GLY A 290 18.85 3.50 8.31
C GLY A 290 19.14 4.95 8.00
N ASN A 291 19.22 5.29 6.71
CA ASN A 291 19.36 6.70 6.34
C ASN A 291 18.17 7.54 6.82
N TYR A 292 16.94 7.01 6.82
CA TYR A 292 15.79 7.83 7.18
C TYR A 292 15.96 8.45 8.56
N LYS A 293 16.70 7.79 9.46
CA LYS A 293 16.75 8.27 10.85
C LYS A 293 17.45 9.61 10.97
N LYS A 294 18.30 10.00 10.01
CA LYS A 294 18.91 11.33 10.12
C LYS A 294 17.91 12.47 10.01
N TYR A 295 16.68 12.21 9.61
CA TYR A 295 15.71 13.28 9.50
C TYR A 295 14.91 13.48 10.77
N ASN A 296 15.19 12.71 11.82
CA ASN A 296 14.47 12.84 13.08
C ASN A 296 14.52 14.26 13.59
N ASP A 297 13.37 14.81 13.94
CA ASP A 297 13.36 16.10 14.61
C ASP A 297 14.11 17.16 13.80
N ARG A 298 14.06 17.07 12.47
CA ARG A 298 14.69 18.05 11.59
C ARG A 298 16.19 18.19 11.80
N GLU A 299 16.87 17.15 12.30
CA GLU A 299 18.33 17.22 12.36
C GLU A 299 18.95 17.37 10.99
N ASN A 300 18.29 16.86 9.96
CA ASN A 300 18.55 17.27 8.60
C ASN A 300 17.21 17.59 7.95
N GLU A 301 17.21 18.58 7.05
CA GLU A 301 16.01 18.85 6.27
C GLU A 301 15.84 17.76 5.23
N MET A 302 14.59 17.36 5.01
CA MET A 302 14.27 16.37 4.01
C MET A 302 14.37 16.96 2.61
N PRO A 303 15.12 16.34 1.70
CA PRO A 303 15.09 16.77 0.29
C PRO A 303 13.90 16.20 -0.47
N PHE A 304 12.71 16.19 0.16
CA PHE A 304 11.52 15.56 -0.38
C PHE A 304 10.40 15.90 0.60
N ASP A 305 9.15 15.75 0.13
CA ASP A 305 7.97 15.57 1.00
C ASP A 305 6.95 14.72 0.24
N SER A 306 5.80 14.41 0.88
CA SER A 306 4.94 13.31 0.45
C SER A 306 4.23 13.53 -0.88
N HIS A 307 4.04 14.77 -1.30
CA HIS A 307 3.46 14.97 -2.63
C HIS A 307 4.34 14.41 -3.69
N MET A 308 5.66 14.33 -3.43
CA MET A 308 6.56 13.78 -4.44
C MET A 308 6.44 12.26 -4.49
N ALA A 309 6.34 11.62 -3.32
CA ALA A 309 6.11 10.19 -3.24
C ALA A 309 4.81 9.79 -3.93
N LEU A 310 3.73 10.52 -3.67
CA LEU A 310 2.46 10.23 -4.33
C LEU A 310 2.51 10.44 -5.85
N ALA A 311 3.28 11.43 -6.33
CA ALA A 311 3.39 11.66 -7.79
C ALA A 311 3.99 10.48 -8.53
N LEU A 312 4.68 9.58 -7.82
CA LEU A 312 5.19 8.38 -8.48
C LEU A 312 4.07 7.52 -9.02
N MET A 313 2.82 7.77 -8.62
CA MET A 313 1.72 7.04 -9.25
C MET A 313 1.34 7.58 -10.64
N ALA A 314 1.64 8.83 -10.94
CA ALA A 314 1.05 9.42 -12.14
C ALA A 314 1.52 8.71 -13.41
N PRO A 315 0.65 8.53 -14.41
CA PRO A 315 -0.75 8.99 -14.51
C PRO A 315 -1.82 7.98 -14.05
N ARG A 316 -1.38 6.92 -13.38
CA ARG A 316 -2.30 5.90 -12.88
C ARG A 316 -3.14 6.45 -11.73
N GLY A 317 -4.17 5.68 -11.33
CA GLY A 317 -5.11 6.17 -10.34
C GLY A 317 -4.54 6.22 -8.92
N LEU A 318 -5.05 7.15 -8.12
CA LEU A 318 -4.62 7.27 -6.73
C LEU A 318 -5.80 7.73 -5.88
N TYR A 319 -6.13 6.97 -4.82
CA TYR A 319 -7.19 7.37 -3.89
C TYR A 319 -6.56 7.49 -2.51
N VAL A 320 -6.69 8.65 -1.91
CA VAL A 320 -6.24 8.95 -0.56
C VAL A 320 -7.48 9.20 0.25
N ALA A 321 -7.53 8.69 1.48
CA ALA A 321 -8.70 8.89 2.33
C ALA A 321 -8.30 8.94 3.79
N SER A 322 -9.14 9.62 4.60
CA SER A 322 -8.85 9.91 5.99
C SER A 322 -10.10 9.70 6.81
N ALA A 323 -9.91 9.67 8.12
CA ALA A 323 -10.99 9.65 9.09
C ALA A 323 -10.89 10.88 10.01
N GLU A 324 -12.02 11.54 10.24
CA GLU A 324 -12.12 12.67 11.16
C GLU A 324 -11.44 12.40 12.50
N GLY A 325 -11.93 11.41 13.24
CA GLY A 325 -11.32 10.98 14.49
C GLY A 325 -10.22 9.95 14.30
N GLN A 327 -7.45 12.33 15.74
CA GLN A 327 -6.68 11.44 16.60
C GLN A 327 -5.18 11.71 16.54
N TRP A 328 -4.39 10.67 16.31
CA TRP A 328 -2.97 10.77 16.01
C TRP A 328 -2.72 10.75 14.51
N SER A 329 -3.64 11.30 13.75
CA SER A 329 -3.53 11.42 12.31
C SER A 329 -3.81 12.87 11.94
N ASP A 330 -3.51 13.21 10.70
CA ASP A 330 -3.63 14.58 10.20
C ASP A 330 -4.31 14.53 8.84
N PRO A 331 -5.65 14.51 8.81
CA PRO A 331 -6.35 14.31 7.53
C PRO A 331 -6.05 15.40 6.53
N LYS A 332 -6.04 16.67 6.94
CA LYS A 332 -5.71 17.73 5.99
C LYS A 332 -4.29 17.58 5.44
N GLY A 333 -3.35 17.10 6.26
CA GLY A 333 -2.01 16.80 5.74
C GLY A 333 -2.04 15.78 4.61
N GLU A 334 -2.94 14.80 4.71
CA GLU A 334 -3.01 13.79 3.64
C GLU A 334 -3.74 14.32 2.42
N PHE A 335 -4.81 15.10 2.63
CA PHE A 335 -5.42 15.85 1.53
C PHE A 335 -4.39 16.67 0.74
N LEU A 336 -3.53 17.41 1.44
CA LEU A 336 -2.57 18.32 0.81
C LEU A 336 -1.43 17.56 0.14
N GLY A 337 -1.14 16.36 0.63
CA GLY A 337 -0.29 15.45 -0.12
C GLY A 337 -0.82 15.22 -1.52
N ALA A 338 -2.12 14.87 -1.61
CA ALA A 338 -2.70 14.50 -2.89
C ALA A 338 -2.87 15.73 -3.75
N ALA A 339 -3.30 16.83 -3.15
CA ALA A 339 -3.58 18.02 -3.94
C ALA A 339 -2.30 18.61 -4.54
N ASN A 340 -1.20 18.52 -3.81
CA ASN A 340 0.08 19.05 -4.28
C ASN A 340 0.80 18.10 -5.22
N ALA A 341 0.46 16.81 -5.21
CA ALA A 341 0.93 15.90 -6.23
C ALA A 341 0.14 16.03 -7.55
N SER A 342 -1.10 16.52 -7.47
CA SER A 342 -2.01 16.49 -8.62
C SER A 342 -1.51 17.19 -9.87
N PRO A 343 -0.80 18.33 -9.82
CA PRO A 343 -0.27 18.91 -11.06
C PRO A 343 0.39 17.91 -11.98
N VAL A 344 1.01 16.86 -11.44
CA VAL A 344 1.71 15.94 -12.32
C VAL A 344 0.76 15.22 -13.25
N TRP A 345 -0.46 14.93 -12.79
CA TRP A 345 -1.39 14.24 -13.65
C TRP A 345 -1.79 15.10 -14.85
N GLU A 346 -1.68 16.42 -14.72
CA GLU A 346 -2.06 17.29 -15.83
C GLU A 346 -1.08 17.21 -16.99
N LEU A 347 0.19 16.93 -16.70
CA LEU A 347 1.16 16.70 -17.78
C LEU A 347 0.74 15.61 -18.72
N PHE A 348 -0.10 14.70 -18.25
CA PHE A 348 -0.50 13.52 -19.00
C PHE A 348 -1.93 13.65 -19.54
N GLY A 349 -2.57 14.77 -19.31
CA GLY A 349 -3.92 14.96 -19.80
C GLY A 349 -5.00 14.38 -18.93
N LYS A 350 -4.68 14.08 -17.67
CA LYS A 350 -5.61 13.54 -16.70
C LYS A 350 -5.96 14.65 -15.71
N LYS A 351 -7.02 14.42 -14.96
N LYS A 351 -7.05 14.44 -14.99
CA LYS A 351 -7.49 15.39 -13.97
CA LYS A 351 -7.51 15.38 -13.96
C LYS A 351 -7.19 14.86 -12.57
C LYS A 351 -7.14 14.84 -12.58
N GLY A 352 -6.62 15.72 -11.74
CA GLY A 352 -6.22 15.37 -10.38
C GLY A 352 -7.30 15.67 -9.38
N ILE A 353 -6.91 16.20 -8.21
CA ILE A 353 -7.87 16.48 -7.15
C ILE A 353 -8.87 17.53 -7.59
N GLY A 354 -8.40 18.56 -8.29
CA GLY A 354 -9.28 19.56 -8.87
C GLY A 354 -9.50 20.76 -7.99
N THR A 355 -8.96 20.75 -6.77
CA THR A 355 -9.14 21.85 -5.83
C THR A 355 -7.95 21.87 -4.89
N MET A 356 -7.81 23.00 -4.18
CA MET A 356 -6.91 23.11 -3.05
C MET A 356 -7.64 23.33 -1.74
N THR A 357 -8.94 23.23 -1.73
CA THR A 357 -9.70 23.45 -0.50
C THR A 357 -10.14 22.09 0.03
N MET A 358 -9.73 21.79 1.25
CA MET A 358 -10.15 20.60 1.99
C MET A 358 -11.67 20.45 1.99
N PRO A 359 -12.23 19.31 1.52
CA PRO A 359 -13.68 19.12 1.57
C PRO A 359 -14.20 18.75 2.95
N ASP A 360 -15.52 18.83 3.06
N ASP A 360 -15.52 18.86 3.11
CA ASP A 360 -16.24 18.50 4.28
CA ASP A 360 -16.12 18.51 4.39
C ASP A 360 -16.42 16.99 4.37
C ASP A 360 -16.44 17.02 4.37
N LEU A 361 -17.03 16.53 5.47
CA LEU A 361 -17.25 15.10 5.63
C LEU A 361 -18.11 14.52 4.51
N HIS A 362 -17.73 13.33 4.04
CA HIS A 362 -18.56 12.54 3.14
C HIS A 362 -18.77 13.22 1.79
N GLU A 363 -17.83 14.07 1.37
CA GLU A 363 -17.89 14.77 0.08
C GLU A 363 -16.63 14.42 -0.70
N PRO A 364 -16.61 13.28 -1.39
CA PRO A 364 -15.43 12.92 -2.18
C PRO A 364 -15.14 13.93 -3.28
N VAL A 365 -13.86 14.21 -3.51
CA VAL A 365 -13.41 15.12 -4.56
C VAL A 365 -12.44 14.41 -5.50
N GLY A 366 -12.38 14.88 -6.75
CA GLY A 366 -11.34 14.50 -7.69
C GLY A 366 -11.78 13.48 -8.73
N ASP A 367 -10.89 13.26 -9.70
CA ASP A 367 -11.10 12.30 -10.80
C ASP A 367 -10.09 11.16 -10.80
N SER A 368 -8.88 11.37 -11.37
CA SER A 368 -7.84 10.34 -11.33
C SER A 368 -7.08 10.30 -9.99
N VAL A 369 -7.00 11.42 -9.31
CA VAL A 369 -6.63 11.48 -7.91
C VAL A 369 -7.90 11.84 -7.16
N ARG A 370 -8.33 10.98 -6.21
CA ARG A 370 -9.49 11.26 -5.36
C ARG A 370 -9.11 11.34 -3.90
N TYR A 371 -9.98 12.01 -3.13
CA TYR A 371 -9.82 12.16 -1.70
C TYR A 371 -11.20 12.21 -1.04
N HIS A 372 -11.35 11.58 0.12
CA HIS A 372 -12.46 11.94 1.01
C HIS A 372 -12.01 11.81 2.45
N ILE A 373 -12.72 12.53 3.29
CA ILE A 373 -12.66 12.39 4.73
C ILE A 373 -14.04 11.94 5.19
N ARG A 374 -14.06 10.99 6.12
CA ARG A 374 -15.32 10.50 6.66
C ARG A 374 -15.33 10.61 8.18
N ALA A 375 -16.53 10.48 8.72
CA ALA A 375 -16.68 10.41 10.16
C ALA A 375 -16.19 9.05 10.67
N GLY A 376 -15.85 8.98 11.94
CA GLY A 376 -15.51 7.73 12.61
C GLY A 376 -14.04 7.66 12.95
N LYS A 377 -13.62 6.46 13.33
CA LYS A 377 -12.26 6.24 13.78
C LYS A 377 -11.36 5.72 12.65
N HIS A 378 -10.08 5.62 12.96
CA HIS A 378 -9.08 5.00 12.11
C HIS A 378 -9.55 3.60 11.72
N ASP A 379 -9.93 3.38 10.45
CA ASP A 379 -10.51 2.10 10.04
C ASP A 379 -10.66 2.06 8.52
N VAL A 380 -11.20 0.95 8.02
CA VAL A 380 -11.80 0.88 6.69
C VAL A 380 -13.25 0.45 6.88
N THR A 381 -14.17 1.26 6.38
CA THR A 381 -15.58 1.02 6.59
C THR A 381 -16.32 0.78 5.29
N GLU A 382 -17.62 0.55 5.46
CA GLU A 382 -18.53 0.31 4.36
C GLU A 382 -18.65 1.54 3.48
N TYR A 383 -18.66 2.73 4.08
CA TYR A 383 -18.68 3.96 3.30
C TYR A 383 -17.46 4.07 2.38
N ASP A 384 -16.27 3.76 2.93
CA ASP A 384 -15.02 3.84 2.17
C ASP A 384 -15.10 2.99 0.90
N TRP A 385 -15.47 1.72 1.05
CA TRP A 385 -15.53 0.79 -0.08
C TRP A 385 -16.55 1.20 -1.15
N GLU A 386 -17.65 1.85 -0.75
CA GLU A 386 -18.59 2.37 -1.73
C GLU A 386 -17.91 3.38 -2.67
N GLN A 387 -17.11 4.29 -2.13
CA GLN A 387 -16.40 5.24 -2.99
C GLN A 387 -15.27 4.55 -3.75
N TYR A 388 -14.55 3.64 -3.09
CA TYR A 388 -13.48 2.89 -3.77
C TYR A 388 -14.00 2.10 -4.96
N LEU A 389 -15.19 1.50 -4.84
CA LEU A 389 -15.66 0.70 -5.96
C LEU A 389 -16.17 1.56 -7.10
N LYS A 390 -16.65 2.77 -6.82
CA LYS A 390 -16.93 3.76 -7.87
C LYS A 390 -15.64 4.24 -8.54
N PHE A 391 -14.63 4.60 -7.75
CA PHE A 391 -13.30 4.84 -8.30
C PHE A 391 -12.87 3.69 -9.23
N ALA A 392 -12.97 2.45 -8.76
CA ALA A 392 -12.51 1.33 -9.55
C ALA A 392 -13.25 1.25 -10.88
N LYS A 393 -14.58 1.45 -10.87
CA LYS A 393 -15.33 1.47 -12.12
C LYS A 393 -14.86 2.60 -13.06
N ALA A 394 -14.60 3.80 -12.52
CA ALA A 394 -14.11 4.89 -13.36
C ALA A 394 -12.74 4.55 -13.94
N GLN A 395 -11.98 3.73 -13.24
CA GLN A 395 -10.61 3.44 -13.66
C GLN A 395 -10.56 2.30 -14.64
N TRP A 396 -11.54 1.41 -14.59
CA TRP A 396 -11.51 0.18 -15.35
C TRP A 396 -12.47 0.19 -16.54
N GLY A 397 -13.40 1.13 -16.59
CA GLY A 397 -14.44 1.12 -17.61
C GLY A 397 -15.54 0.17 -17.20
O1 PG4 B . 9.68 -5.49 -7.50
C1 PG4 B . 9.38 -4.35 -8.28
C2 PG4 B . 9.29 -4.75 -9.74
O2 PG4 B . 8.34 -5.77 -9.90
C3 PG4 B . 7.42 -5.60 -10.95
C4 PG4 B . 8.09 -5.53 -12.34
O3 PG4 B . 7.26 -4.89 -13.29
C5 PG4 B . 6.93 -3.51 -13.17
C6 PG4 B . 8.09 -2.48 -13.15
O4 PG4 B . 7.65 -1.19 -12.70
C7 PG4 B . 8.52 -0.09 -12.87
C8 PG4 B . 7.83 1.29 -12.80
O5 PG4 B . 8.55 2.18 -11.96
HO1 PG4 B . 10.38 -5.86 -7.81
H11 PG4 B . 8.54 -3.97 -7.99
H12 PG4 B . 10.09 -3.69 -8.16
H21 PG4 B . 10.16 -5.07 -10.05
H22 PG4 B . 9.02 -3.98 -10.27
H31 PG4 B . 6.79 -6.34 -10.95
H32 PG4 B . 6.92 -4.77 -10.80
H41 PG4 B . 8.93 -5.04 -12.26
H42 PG4 B . 8.28 -6.43 -12.64
H51 PG4 B . 6.34 -3.29 -13.92
H52 PG4 B . 6.42 -3.41 -12.35
H61 PG4 B . 8.79 -2.80 -12.56
H62 PG4 B . 8.45 -2.39 -14.05
H71 PG4 B . 9.21 -0.13 -12.18
H72 PG4 B . 8.95 -0.17 -13.74
H81 PG4 B . 7.77 1.66 -13.69
H82 PG4 B . 6.93 1.17 -12.45
HO5 PG4 B . 8.04 2.45 -11.33
O1 PG4 C . 23.50 -10.16 -7.57
C1 PG4 C . 23.25 -9.32 -6.48
C2 PG4 C . 23.18 -10.15 -5.20
O2 PG4 C . 22.92 -9.32 -4.10
C3 PG4 C . 21.57 -9.10 -3.78
C4 PG4 C . 21.31 -7.60 -3.60
O3 PG4 C . 20.04 -7.39 -3.02
C5 PG4 C . 19.98 -7.22 -1.63
C6 PG4 C . 18.87 -6.24 -1.22
O4 PG4 C . 19.48 -5.11 -0.63
C7 PG4 C . 19.76 -4.06 -1.51
C8 PG4 C . 20.58 -4.49 -2.72
O5 PG4 C . 21.05 -3.36 -3.40
HO1 PG4 C . 23.99 -10.81 -7.33
H11 PG4 C . 22.41 -8.86 -6.61
H12 PG4 C . 23.96 -8.67 -6.41
H21 PG4 C . 24.03 -10.60 -5.07
H22 PG4 C . 22.47 -10.80 -5.28
H31 PG4 C . 21.36 -9.56 -2.96
H32 PG4 C . 21.01 -9.43 -4.50
H41 PG4 C . 21.99 -7.22 -3.02
H42 PG4 C . 21.34 -7.15 -4.47
H51 PG4 C . 20.83 -6.88 -1.31
H52 PG4 C . 19.80 -8.08 -1.21
H61 PG4 C . 18.26 -6.66 -0.59
H62 PG4 C . 18.36 -5.96 -2.00
H71 PG4 C . 18.92 -3.68 -1.81
H72 PG4 C . 20.25 -3.37 -1.02
H81 PG4 C . 21.32 -5.03 -2.44
H82 PG4 C . 20.02 -5.01 -3.33
HO5 PG4 C . 21.14 -2.72 -2.84
C1 EDO D . -6.25 11.11 -21.47
O1 EDO D . -5.25 10.09 -21.41
C2 EDO D . -7.58 10.50 -21.10
O2 EDO D . -8.21 11.30 -20.08
H11 EDO D . -6.00 11.92 -20.77
H12 EDO D . -6.30 11.53 -22.48
HO1 EDO D . -4.40 10.47 -21.64
H21 EDO D . -8.22 10.46 -21.99
H22 EDO D . -7.44 9.48 -20.73
HO2 EDO D . -9.06 10.91 -19.85
C1 EDO E . -23.25 7.89 5.54
O1 EDO E . -23.06 9.11 4.81
C2 EDO E . -22.24 7.77 6.65
O2 EDO E . -22.23 6.40 7.09
H11 EDO E . -24.26 7.87 5.95
H12 EDO E . -23.16 7.04 4.86
HO1 EDO E . -23.72 9.17 4.09
H21 EDO E . -22.51 8.43 7.49
H22 EDO E . -21.24 8.05 6.30
HO2 EDO E . -21.59 6.30 7.81
C1 EDO F . -21.66 2.51 -3.99
O1 EDO F . -22.76 2.23 -3.11
C2 EDO F . -20.99 1.22 -4.44
O2 EDO F . -20.28 1.42 -5.66
H11 EDO F . -22.04 3.05 -4.86
H12 EDO F . -20.94 3.14 -3.48
HO1 EDO F . -23.18 3.05 -2.84
H21 EDO F . -20.29 0.89 -3.67
H22 EDO F . -21.73 0.44 -4.58
HO2 EDO F . -19.85 0.60 -5.93
C1 EDO G . -12.06 -26.54 -9.79
O1 EDO G . -13.35 -26.15 -10.28
C2 EDO G . -11.03 -26.53 -10.94
O2 EDO G . -11.41 -27.47 -11.97
H11 EDO G . -11.73 -25.84 -9.01
H12 EDO G . -12.11 -27.54 -9.36
HO1 EDO G . -13.98 -26.16 -9.55
H21 EDO G . -10.97 -25.53 -11.36
H22 EDO G . -10.05 -26.80 -10.55
HO2 EDO G . -10.75 -27.44 -12.68
C1 EDO H . 16.04 -2.84 10.78
O1 EDO H . 16.02 -3.13 9.38
C2 EDO H . 15.46 -3.98 11.59
O2 EDO H . 15.35 -3.57 12.96
H11 EDO H . 17.07 -2.65 11.10
H12 EDO H . 15.47 -1.92 10.98
HO1 EDO H . 16.39 -2.39 8.89
H21 EDO H . 16.11 -4.86 11.53
H22 EDO H . 14.47 -4.25 11.20
HO2 EDO H . 14.97 -4.28 13.49
C1 EDO I . 6.55 -13.78 -12.59
O1 EDO I . 5.17 -13.70 -13.00
C2 EDO I . 7.34 -14.86 -13.34
O2 EDO I . 8.56 -14.32 -13.90
H11 EDO I . 7.04 -12.81 -12.76
H12 EDO I . 6.60 -13.99 -11.53
HO1 EDO I . 4.72 -13.00 -12.50
H21 EDO I . 7.58 -15.68 -12.67
H22 EDO I . 6.72 -15.27 -14.15
HO2 EDO I . 9.04 -15.01 -14.37
C1 EDO J . 4.55 6.25 -17.77
O1 EDO J . 3.42 6.80 -18.41
C2 EDO J . 4.94 7.04 -16.52
O2 EDO J . 5.28 6.12 -15.47
H11 EDO J . 4.34 5.21 -17.48
H12 EDO J . 5.40 6.23 -18.45
HO1 EDO J . 3.20 6.28 -19.20
H21 EDO J . 5.79 7.68 -16.74
H22 EDO J . 4.10 7.66 -16.20
HO2 EDO J . 5.53 6.60 -14.68
C1 EDO K . -17.16 7.40 -10.61
O1 EDO K . -18.29 7.97 -9.91
C2 EDO K . -17.59 6.27 -11.56
O2 EDO K . -18.17 5.14 -10.90
H11 EDO K . -16.66 8.19 -11.18
H12 EDO K . -16.45 7.02 -9.87
HO1 EDO K . -17.99 8.68 -9.33
H21 EDO K . -18.31 6.66 -12.28
H22 EDO K . -16.71 5.93 -12.12
HO2 EDO K . -18.41 4.47 -11.57
C1 EDO L . -8.91 1.71 -19.10
O1 EDO L . -10.14 2.38 -18.73
C2 EDO L . -8.78 0.32 -18.47
O2 EDO L . -7.60 -0.36 -18.95
H11 EDO L . -8.87 1.61 -20.19
H12 EDO L . -8.06 2.32 -18.81
HO1 EDO L . -10.17 3.25 -19.16
H21 EDO L . -9.67 -0.28 -18.71
H22 EDO L . -8.73 0.41 -17.39
HO2 EDO L . -7.54 -1.24 -18.54
C1 EDO M . 6.27 10.33 -22.66
O1 EDO M . 5.88 9.97 -21.31
C2 EDO M . 5.10 10.98 -23.42
O2 EDO M . 5.54 12.20 -24.06
H11 EDO M . 7.11 11.02 -22.63
H12 EDO M . 6.58 9.43 -23.20
HO1 EDO M . 6.63 9.56 -20.85
H21 EDO M . 4.72 10.28 -24.16
H22 EDO M . 4.29 11.20 -22.72
HO2 EDO M . 4.78 12.60 -24.53
C1 EDO N . -15.21 -3.99 -16.41
O1 EDO N . -15.65 -5.23 -15.83
C2 EDO N . -14.52 -4.26 -17.75
O2 EDO N . -15.39 -4.99 -18.62
H11 EDO N . -16.06 -3.33 -16.57
H12 EDO N . -14.51 -3.50 -15.73
HO1 EDO N . -16.09 -5.05 -14.99
H21 EDO N . -14.23 -3.32 -18.21
H22 EDO N . -13.61 -4.84 -17.57
HO2 EDO N . -14.94 -5.15 -19.46
C1 EDO O . -3.91 3.07 -14.95
O1 EDO O . -5.32 3.16 -14.70
C2 EDO O . -3.66 2.14 -16.12
O2 EDO O . -2.28 1.80 -16.24
H11 EDO O . -3.51 4.07 -15.17
H12 EDO O . -3.40 2.68 -14.06
HO1 EDO O . -5.48 3.75 -13.95
H21 EDO O . -4.25 1.23 -16.00
H22 EDO O . -3.99 2.63 -17.04
HO2 EDO O . -2.16 1.22 -17.00
C1 EDO P . 8.96 -25.52 -1.17
O1 EDO P . 8.93 -26.93 -1.41
C2 EDO P . 10.27 -24.95 -1.69
O2 EDO P . 10.18 -24.63 -3.10
H11 EDO P . 8.12 -25.04 -1.68
H12 EDO P . 8.87 -25.32 -0.11
HO1 EDO P . 8.10 -27.30 -1.07
H21 EDO P . 10.52 -24.05 -1.13
H22 EDO P . 11.08 -25.67 -1.54
HO2 EDO P . 11.03 -24.27 -3.40
C1 PEG Q . -5.74 -2.33 12.35
O1 PEG Q . -5.90 -3.67 12.71
C2 PEG Q . -4.30 -1.89 12.51
O2 PEG Q . -4.21 -0.50 12.71
C3 PEG Q . -3.24 -0.16 13.68
C4 PEG Q . -2.96 1.35 13.73
O4 PEG Q . -3.39 1.93 14.94
H11 PEG Q . -6.02 -2.21 11.43
H12 PEG Q . -6.31 -1.78 12.92
HO1 PEG Q . -6.25 -3.72 13.48
H21 PEG Q . -3.91 -2.34 13.27
H22 PEG Q . -3.80 -2.13 11.71
H31 PEG Q . -3.56 -0.45 14.55
H32 PEG Q . -2.42 -0.63 13.48
H41 PEG Q . -2.01 1.48 13.63
H42 PEG Q . -3.41 1.78 12.99
HO4 PEG Q . -2.83 1.76 15.55
C1 PEG R . 1.82 6.13 11.24
O1 PEG R . 1.28 4.92 10.76
C2 PEG R . 1.05 7.33 10.66
O2 PEG R . 1.74 8.57 10.70
C3 PEG R . 1.24 9.69 11.45
C4 PEG R . -0.10 10.30 11.02
O4 PEG R . -0.02 11.68 10.60
H11 PEG R . 1.74 6.14 12.21
H12 PEG R . 2.75 6.19 11.00
HO1 PEG R . 0.91 4.49 11.39
H21 PEG R . 0.83 7.14 9.73
H22 PEG R . 0.22 7.43 11.15
H31 PEG R . 1.15 9.40 12.37
H32 PEG R . 1.91 10.38 11.43
H41 PEG R . -0.46 9.79 10.28
H42 PEG R . -0.73 10.24 11.75
HO4 PEG R . 0.76 11.83 10.28
C1 PEG S . 0.57 17.48 13.47
O1 PEG S . 0.65 16.09 13.32
C2 PEG S . -0.54 18.05 12.59
O2 PEG S . -1.38 18.94 13.29
C3 PEG S . -2.22 18.37 14.26
C4 PEG S . -3.68 18.47 13.81
O4 PEG S . -4.06 19.82 13.70
H11 PEG S . 0.39 17.70 14.40
H12 PEG S . 1.43 17.89 13.22
HO1 PEG S . 0.68 15.71 14.08
H21 PEG S . -0.14 18.52 11.83
H22 PEG S . -1.08 17.32 12.25
H31 PEG S . -1.99 17.43 14.38
H32 PEG S . -2.10 18.83 15.11
H41 PEG S . -4.24 18.02 14.46
H42 PEG S . -3.77 18.03 12.95
HO4 PEG S . -4.89 19.89 13.85
C1 PEG T . -3.82 6.69 -18.75
O1 PEG T . -2.92 6.41 -19.80
C2 PEG T . -3.91 5.55 -17.73
O2 PEG T . -4.52 6.06 -16.56
C3 PEG T . -5.92 5.92 -16.46
C4 PEG T . -6.62 6.97 -15.55
O4 PEG T . -5.88 7.52 -14.48
H11 PEG T . -3.53 7.50 -18.30
H12 PEG T . -4.69 6.84 -19.13
HO1 PEG T . -3.33 6.46 -20.55
H21 PEG T . -4.44 4.83 -18.09
H22 PEG T . -3.02 5.23 -17.53
H31 PEG T . -6.12 5.04 -16.13
H32 PEG T . -6.30 6.01 -17.35
H41 PEG T . -6.92 7.69 -16.11
H42 PEG T . -7.41 6.54 -15.17
HO4 PEG T . -6.40 8.02 -14.01
C1 PEG U . -1.51 -22.70 5.26
O1 PEG U . -0.58 -22.58 4.20
C2 PEG U . -2.88 -22.26 4.77
O2 PEG U . -3.13 -22.80 3.48
C3 PEG U . -4.22 -23.68 3.42
C4 PEG U . -4.09 -24.70 2.29
O4 PEG U . -5.30 -24.78 1.59
H11 PEG U . -1.23 -22.14 6.00
H12 PEG U . -1.55 -23.62 5.55
HO1 PEG U . -0.18 -23.32 4.09
H21 PEG U . -3.56 -22.57 5.39
H22 PEG U . -2.90 -21.30 4.71
H31 PEG U . -5.03 -23.17 3.29
H32 PEG U . -4.29 -24.16 4.26
H41 PEG U . -3.88 -25.56 2.66
H42 PEG U . -3.39 -24.42 1.68
HO4 PEG U . -5.15 -24.99 0.78
C1 PEG V . 13.86 -18.66 11.74
O1 PEG V . 14.30 -18.41 10.43
C2 PEG V . 15.04 -18.63 12.71
O2 PEG V . 14.60 -18.84 14.04
C3 PEG V . 14.45 -20.19 14.43
C4 PEG V . 12.97 -20.65 14.41
O4 PEG V . 12.18 -20.09 15.42
H11 PEG V . 13.43 -19.53 11.78
H12 PEG V . 13.21 -17.98 11.99
HO1 PEG V . 15.03 -18.80 10.31
H21 PEG V . 15.67 -19.32 12.47
H22 PEG V . 15.48 -17.76 12.66
H31 PEG V . 14.78 -20.29 15.34
H32 PEG V . 14.96 -20.75 13.84
H41 PEG V . 12.95 -21.61 14.48
H42 PEG V . 12.59 -20.40 13.54
HO4 PEG V . 11.39 -20.41 15.38
C1 PGE W . 3.05 -6.45 16.18
O1 PGE W . 3.16 -7.58 15.30
C2 PGE W . 1.64 -6.30 16.72
O2 PGE W . 0.74 -6.79 15.75
C3 PGE W . 0.88 -6.15 14.49
C4 PGE W . -0.49 -5.99 13.83
O4 PGE W . -1.32 -2.53 16.41
C6 PGE W . -1.91 -2.84 15.14
C5 PGE W . -1.84 -4.33 14.91
O3 PGE W . -0.87 -4.63 13.91
H1 PGE W . 3.72 -6.55 17.04
H12 PGE W . 3.31 -5.51 15.67
HO1 PGE W . 2.45 -8.20 15.50
H2 PGE W . 1.55 -6.86 17.67
H22 PGE W . 1.44 -5.23 16.94
H3 PGE W . 1.34 -5.16 14.61
H32 PGE W . 1.54 -6.74 13.82
H4 PGE W . -0.42 -6.32 12.78
H42 PGE W . -1.21 -6.65 14.34
HO4 PGE W . -2.01 -2.14 16.96
H6 PGE W . -1.38 -2.33 14.32
H62 PGE W . -2.97 -2.53 15.10
H5 PGE W . -2.84 -4.71 14.62
H52 PGE W . -1.58 -4.84 15.86
#